data_6IQI
#
_entry.id   6IQI
#
_cell.length_a   58.680
_cell.length_b   58.680
_cell.length_c   83.938
_cell.angle_alpha   90.000
_cell.angle_beta   90.000
_cell.angle_gamma   120.000
#
_symmetry.space_group_name_H-M   'P 32'
#
loop_
_entity.id
_entity.type
_entity.pdbx_description
1 polymer Profilin-2
2 water water
#
_entity_poly.entity_id   1
_entity_poly.type   'polypeptide(L)'
_entity_poly.pdbx_seq_one_letter_code
;MSWQSYVDDHLMCEVEGNHLTHAAIFGQDGSVWAQSSAFPQLKPAEIAGINKDFEEAGHLAPTGLFLGGEKYMVVQGEAG
AVIRGKKGPGGVTIKKTTQALVFGIYDEPMTGGQCNLVVERLGDYLIESGL
;
_entity_poly.pdbx_strand_id   A,B
#
# COMPACT_ATOMS: atom_id res chain seq x y z
N SER A 2 2.73 13.62 13.08
CA SER A 2 1.85 14.68 12.60
C SER A 2 0.83 14.18 11.59
N TRP A 3 -0.44 14.34 11.91
CA TRP A 3 -1.50 13.91 11.01
C TRP A 3 -1.47 14.67 9.69
N GLN A 4 -1.05 15.94 9.73
CA GLN A 4 -1.00 16.73 8.50
C GLN A 4 0.00 16.14 7.50
N SER A 5 1.18 15.74 7.98
CA SER A 5 2.17 15.16 7.10
C SER A 5 1.71 13.82 6.55
N TYR A 6 0.90 13.07 7.31
CA TYR A 6 0.32 11.84 6.79
C TYR A 6 -0.54 12.12 5.56
N VAL A 7 -1.28 13.23 5.59
CA VAL A 7 -2.06 13.66 4.43
C VAL A 7 -1.12 14.08 3.31
N ASP A 8 -0.25 15.06 3.60
CA ASP A 8 0.58 15.68 2.57
C ASP A 8 1.56 14.70 1.94
N ASP A 9 2.36 14.01 2.75
CA ASP A 9 3.50 13.24 2.26
C ASP A 9 3.16 11.81 1.84
N HIS A 10 2.02 11.29 2.28
CA HIS A 10 1.65 9.90 2.06
C HIS A 10 0.30 9.65 1.42
N LEU A 11 -0.62 10.59 1.48
CA LEU A 11 -1.86 10.54 0.71
C LEU A 11 -1.81 11.44 -0.51
N MET A 12 -1.02 12.52 -0.45
CA MET A 12 -0.91 13.48 -1.54
C MET A 12 0.41 13.33 -2.29
N CYS A 13 1.16 12.25 -2.04
CA CYS A 13 2.37 11.99 -2.80
C CYS A 13 2.04 11.71 -4.26
N GLU A 14 2.90 12.20 -5.15
CA GLU A 14 2.74 11.98 -6.58
C GLU A 14 3.18 10.57 -6.95
N VAL A 15 2.39 9.91 -7.79
CA VAL A 15 2.80 8.67 -8.45
C VAL A 15 2.65 8.90 -9.94
N GLU A 16 3.78 8.89 -10.66
CA GLU A 16 3.80 9.17 -12.09
C GLU A 16 3.13 10.52 -12.39
N GLY A 17 3.55 11.56 -11.66
CA GLY A 17 3.05 12.90 -11.86
C GLY A 17 1.64 13.16 -11.36
N ASN A 18 0.90 12.14 -10.94
CA ASN A 18 -0.49 12.31 -10.52
C ASN A 18 -0.61 12.23 -9.00
N HIS A 19 -1.49 13.06 -8.45
CA HIS A 19 -1.79 13.05 -7.03
C HIS A 19 -3.31 13.19 -6.87
N LEU A 20 -3.81 12.74 -5.71
CA LEU A 20 -5.22 12.87 -5.40
C LEU A 20 -5.64 14.34 -5.41
N THR A 21 -6.86 14.59 -5.86
CA THR A 21 -7.46 15.92 -5.71
C THR A 21 -7.48 16.34 -4.24
N HIS A 22 -8.17 15.57 -3.41
CA HIS A 22 -8.29 15.84 -1.99
C HIS A 22 -7.95 14.58 -1.21
N ALA A 23 -7.48 14.78 0.03
CA ALA A 23 -7.26 13.68 0.96
C ALA A 23 -7.51 14.19 2.37
N ALA A 24 -7.94 13.28 3.24
CA ALA A 24 -8.27 13.66 4.61
C ALA A 24 -8.20 12.43 5.49
N ILE A 25 -7.91 12.66 6.76
CA ILE A 25 -7.99 11.63 7.80
C ILE A 25 -9.00 12.12 8.82
N PHE A 26 -10.12 11.41 8.92
CA PHE A 26 -11.14 11.71 9.90
C PHE A 26 -11.06 10.71 11.04
N GLY A 27 -11.25 11.18 12.27
CA GLY A 27 -11.60 10.28 13.33
C GLY A 27 -12.98 9.69 13.09
N GLN A 28 -13.17 8.45 13.54
CA GLN A 28 -14.45 7.80 13.31
C GLN A 28 -15.60 8.56 13.98
N ASP A 29 -15.29 9.49 14.89
CA ASP A 29 -16.30 10.34 15.51
C ASP A 29 -16.73 11.53 14.64
N GLY A 30 -16.39 11.53 13.35
CA GLY A 30 -16.72 12.63 12.47
C GLY A 30 -15.73 13.78 12.43
N SER A 31 -14.83 13.89 13.41
CA SER A 31 -13.96 15.05 13.47
C SER A 31 -12.82 14.92 12.48
N VAL A 32 -12.50 16.03 11.81
CA VAL A 32 -11.32 16.09 10.95
C VAL A 32 -10.07 16.01 11.82
N TRP A 33 -9.17 15.09 11.47
CA TRP A 33 -7.87 15.05 12.12
C TRP A 33 -6.85 15.85 11.33
N ALA A 34 -6.85 15.68 10.01
CA ALA A 34 -6.08 16.51 9.10
C ALA A 34 -6.62 16.27 7.70
N GLN A 35 -6.71 17.33 6.91
CA GLN A 35 -7.23 17.25 5.56
C GLN A 35 -6.38 18.09 4.63
N SER A 36 -6.47 17.78 3.33
CA SER A 36 -5.93 18.69 2.33
C SER A 36 -6.70 20.01 2.34
N SER A 37 -6.05 21.04 1.79
CA SER A 37 -6.58 22.41 1.83
C SER A 37 -8.03 22.48 1.38
N ALA A 38 -8.34 21.84 0.25
CA ALA A 38 -9.64 22.00 -0.39
C ALA A 38 -10.53 20.78 -0.22
N PHE A 39 -10.29 19.97 0.80
CA PHE A 39 -11.13 18.79 1.01
C PHE A 39 -12.54 19.24 1.39
N PRO A 40 -13.57 18.63 0.80
CA PRO A 40 -14.93 19.10 1.07
C PRO A 40 -15.35 18.85 2.51
N GLN A 41 -16.20 19.74 3.02
CA GLN A 41 -16.76 19.51 4.33
C GLN A 41 -17.87 18.48 4.21
N LEU A 42 -17.96 17.60 5.19
CA LEU A 42 -18.78 16.40 5.10
C LEU A 42 -19.92 16.50 6.11
N LYS A 43 -21.15 16.34 5.61
CA LYS A 43 -22.32 16.42 6.46
C LYS A 43 -22.32 15.27 7.46
N PRO A 44 -22.81 15.50 8.68
CA PRO A 44 -22.79 14.41 9.69
C PRO A 44 -23.57 13.19 9.28
N ALA A 45 -24.62 13.34 8.47
CA ALA A 45 -25.33 12.17 7.96
C ALA A 45 -24.47 11.37 7.00
N GLU A 46 -23.66 12.07 6.19
CA GLU A 46 -22.76 11.40 5.26
C GLU A 46 -21.79 10.47 5.99
N ILE A 47 -21.29 10.89 7.15
CA ILE A 47 -20.35 10.06 7.88
C ILE A 47 -21.06 8.93 8.61
N ALA A 48 -22.32 9.14 9.00
CA ALA A 48 -23.10 8.04 9.56
C ALA A 48 -23.33 6.95 8.51
N GLY A 49 -23.80 7.36 7.32
CA GLY A 49 -23.96 6.40 6.24
C GLY A 49 -22.65 5.71 5.88
N ILE A 50 -21.55 6.46 5.94
CA ILE A 50 -20.22 5.88 5.78
C ILE A 50 -19.99 4.79 6.84
N ASN A 51 -20.26 5.12 8.11
CA ASN A 51 -19.90 4.22 9.21
C ASN A 51 -20.79 2.99 9.25
N LYS A 52 -22.09 3.16 9.01
CA LYS A 52 -23.00 2.02 9.00
C LYS A 52 -22.69 1.06 7.84
N ASP A 53 -22.10 1.57 6.77
CA ASP A 53 -21.75 0.71 5.66
C ASP A 53 -20.53 -0.14 5.98
N PHE A 54 -19.62 0.35 6.83
CA PHE A 54 -18.52 -0.47 7.30
C PHE A 54 -18.99 -1.56 8.26
N GLU A 55 -20.20 -1.44 8.80
CA GLU A 55 -20.74 -2.45 9.71
C GLU A 55 -21.23 -3.65 8.92
N GLU A 56 -22.21 -3.43 8.06
CA GLU A 56 -22.68 -4.40 7.07
C GLU A 56 -22.75 -3.69 5.73
N ALA A 57 -21.93 -4.14 4.77
CA ALA A 57 -21.87 -3.44 3.50
C ALA A 57 -23.23 -3.48 2.80
N GLY A 58 -23.40 -2.61 1.82
CA GLY A 58 -24.65 -2.54 1.10
C GLY A 58 -25.65 -1.55 1.64
N HIS A 59 -25.38 -0.92 2.79
CA HIS A 59 -26.26 0.13 3.27
C HIS A 59 -26.21 1.35 2.35
N LEU A 60 -25.02 1.66 1.83
CA LEU A 60 -24.82 2.81 0.94
C LEU A 60 -25.06 2.49 -0.52
N ALA A 61 -25.04 1.22 -0.92
CA ALA A 61 -25.17 0.88 -2.33
C ALA A 61 -26.48 1.35 -2.94
N PRO A 62 -27.66 1.15 -2.34
CA PRO A 62 -28.81 1.97 -2.73
C PRO A 62 -28.62 3.40 -2.25
N THR A 63 -29.20 4.34 -3.01
CA THR A 63 -29.11 5.78 -2.77
C THR A 63 -27.73 6.34 -3.11
N GLY A 64 -26.71 5.49 -3.17
CA GLY A 64 -25.35 5.94 -3.41
C GLY A 64 -24.66 6.55 -2.19
N LEU A 65 -23.41 6.95 -2.41
CA LEU A 65 -22.54 7.50 -1.37
C LEU A 65 -22.44 9.00 -1.55
N PHE A 66 -22.80 9.76 -0.51
CA PHE A 66 -22.81 11.22 -0.55
C PHE A 66 -21.65 11.77 0.28
N LEU A 67 -20.92 12.71 -0.29
CA LEU A 67 -19.83 13.40 0.41
C LEU A 67 -19.86 14.87 0.02
N GLY A 68 -20.08 15.75 0.99
CA GLY A 68 -20.19 17.17 0.69
C GLY A 68 -21.30 17.51 -0.28
N GLY A 69 -22.38 16.73 -0.28
CA GLY A 69 -23.50 16.89 -1.19
C GLY A 69 -23.33 16.17 -2.51
N GLU A 70 -22.11 16.13 -3.04
CA GLU A 70 -21.88 15.46 -4.31
C GLU A 70 -21.96 13.96 -4.13
N LYS A 71 -22.65 13.30 -5.06
CA LYS A 71 -22.94 11.88 -4.93
C LYS A 71 -21.95 11.04 -5.73
N TYR A 72 -21.58 9.90 -5.17
CA TYR A 72 -20.72 8.93 -5.83
C TYR A 72 -21.49 7.61 -5.92
N MET A 73 -21.46 6.98 -7.08
CA MET A 73 -22.08 5.68 -7.23
C MET A 73 -21.18 4.62 -6.61
N VAL A 74 -21.78 3.72 -5.83
CA VAL A 74 -21.01 2.75 -5.08
C VAL A 74 -20.46 1.68 -6.02
N VAL A 75 -19.22 1.26 -5.78
CA VAL A 75 -18.57 0.20 -6.51
C VAL A 75 -17.98 -0.79 -5.50
N GLN A 76 -17.47 -1.89 -6.03
CA GLN A 76 -17.05 -3.00 -5.17
C GLN A 76 -15.98 -2.56 -4.19
N GLY A 77 -16.05 -3.08 -2.97
CA GLY A 77 -15.01 -2.81 -2.01
C GLY A 77 -14.46 -3.99 -1.22
N GLU A 78 -13.92 -3.68 -0.04
CA GLU A 78 -13.55 -4.67 0.96
C GLU A 78 -14.50 -4.49 2.13
N ALA A 79 -15.38 -5.47 2.35
CA ALA A 79 -16.42 -5.32 3.35
C ALA A 79 -15.80 -5.07 4.72
N GLY A 80 -16.24 -4.00 5.38
CA GLY A 80 -15.72 -3.65 6.68
C GLY A 80 -14.34 -3.03 6.67
N ALA A 81 -13.74 -2.79 5.52
CA ALA A 81 -12.40 -2.23 5.49
C ALA A 81 -12.27 -1.10 4.47
N VAL A 82 -12.97 -1.20 3.34
CA VAL A 82 -12.82 -0.24 2.25
C VAL A 82 -14.18 0.02 1.63
N ILE A 83 -14.48 1.31 1.45
CA ILE A 83 -15.61 1.76 0.64
C ILE A 83 -15.05 2.49 -0.56
N ARG A 84 -15.56 2.15 -1.75
CA ARG A 84 -15.13 2.83 -2.96
C ARG A 84 -16.35 3.33 -3.73
N GLY A 85 -16.17 4.48 -4.37
CA GLY A 85 -17.24 5.12 -5.10
C GLY A 85 -16.72 5.73 -6.38
N LYS A 86 -17.66 6.05 -7.26
CA LYS A 86 -17.33 6.56 -8.58
C LYS A 86 -18.26 7.71 -8.92
N LYS A 87 -17.69 8.75 -9.55
CA LYS A 87 -18.47 9.82 -10.17
C LYS A 87 -17.77 10.21 -11.47
N GLY A 88 -18.34 9.77 -12.59
CA GLY A 88 -17.73 9.96 -13.88
C GLY A 88 -16.31 9.46 -13.95
N PRO A 89 -15.38 10.34 -14.33
CA PRO A 89 -13.97 9.96 -14.45
C PRO A 89 -13.17 10.09 -13.16
N GLY A 90 -13.83 10.31 -12.02
CA GLY A 90 -13.16 10.35 -10.74
C GLY A 90 -13.85 9.43 -9.74
N GLY A 91 -13.40 9.44 -8.49
CA GLY A 91 -14.03 8.63 -7.47
C GLY A 91 -13.41 8.86 -6.13
N VAL A 92 -13.60 7.88 -5.24
CA VAL A 92 -13.19 8.04 -3.85
C VAL A 92 -12.90 6.67 -3.24
N THR A 93 -11.93 6.63 -2.34
CA THR A 93 -11.62 5.45 -1.53
C THR A 93 -11.76 5.85 -0.06
N ILE A 94 -12.55 5.09 0.68
CA ILE A 94 -12.69 5.29 2.13
C ILE A 94 -12.22 4.04 2.82
N LYS A 95 -11.03 4.10 3.41
CA LYS A 95 -10.44 2.98 4.14
C LYS A 95 -10.61 3.23 5.63
N LYS A 96 -11.20 2.26 6.32
CA LYS A 96 -11.43 2.36 7.77
C LYS A 96 -10.27 1.73 8.52
N THR A 97 -9.66 2.49 9.42
CA THR A 97 -8.67 1.96 10.34
C THR A 97 -9.39 1.54 11.63
N THR A 98 -8.63 1.23 12.69
CA THR A 98 -9.27 0.91 13.95
C THR A 98 -9.94 2.13 14.56
N GLN A 99 -9.34 3.31 14.39
CA GLN A 99 -9.82 4.54 15.00
C GLN A 99 -10.28 5.59 13.99
N ALA A 100 -9.91 5.48 12.72
CA ALA A 100 -10.08 6.61 11.82
C ALA A 100 -10.71 6.22 10.49
N LEU A 101 -10.82 7.21 9.59
CA LEU A 101 -11.34 7.00 8.25
C LEU A 101 -10.46 7.76 7.28
N VAL A 102 -9.79 7.04 6.38
CA VAL A 102 -8.87 7.63 5.42
C VAL A 102 -9.61 7.85 4.11
N PHE A 103 -9.55 9.08 3.60
CA PHE A 103 -10.28 9.50 2.42
C PHE A 103 -9.31 9.86 1.31
N GLY A 104 -9.58 9.37 0.11
CA GLY A 104 -8.87 9.80 -1.07
C GLY A 104 -9.83 10.11 -2.19
N ILE A 105 -9.72 11.30 -2.78
CA ILE A 105 -10.56 11.71 -3.90
C ILE A 105 -9.64 11.97 -5.09
N TYR A 106 -9.94 11.33 -6.22
CA TYR A 106 -9.10 11.41 -7.40
C TYR A 106 -9.92 11.89 -8.59
N ASP A 107 -9.23 12.44 -9.58
CA ASP A 107 -9.86 12.96 -10.79
C ASP A 107 -9.21 12.30 -12.01
N GLU A 108 -9.62 12.76 -13.19
CA GLU A 108 -9.51 11.99 -14.43
C GLU A 108 -8.11 11.49 -14.81
N PRO A 109 -7.01 12.22 -14.56
CA PRO A 109 -5.70 11.59 -14.80
C PRO A 109 -5.43 10.39 -13.91
N MET A 110 -5.83 10.46 -12.64
CA MET A 110 -5.60 9.37 -11.71
C MET A 110 -6.57 8.22 -11.94
N THR A 111 -6.15 7.05 -11.50
CA THR A 111 -6.94 5.83 -11.58
C THR A 111 -7.54 5.54 -10.21
N GLY A 112 -8.60 4.73 -10.21
CA GLY A 112 -9.03 4.14 -8.95
C GLY A 112 -7.91 3.34 -8.34
N GLY A 113 -7.08 2.72 -9.19
CA GLY A 113 -5.97 1.91 -8.69
C GLY A 113 -4.92 2.74 -7.97
N GLN A 114 -4.51 3.88 -8.56
CA GLN A 114 -3.58 4.75 -7.86
C GLN A 114 -4.19 5.36 -6.60
N CYS A 115 -5.52 5.45 -6.54
CA CYS A 115 -6.20 5.97 -5.35
C CYS A 115 -6.15 4.93 -4.23
N ASN A 116 -6.70 3.73 -4.50
CA ASN A 116 -6.59 2.63 -3.56
C ASN A 116 -5.15 2.36 -3.13
N LEU A 117 -4.18 2.68 -3.99
CA LEU A 117 -2.79 2.50 -3.62
C LEU A 117 -2.47 3.34 -2.39
N VAL A 118 -2.54 4.66 -2.53
CA VAL A 118 -2.11 5.53 -1.44
C VAL A 118 -3.05 5.41 -0.24
N VAL A 119 -4.35 5.19 -0.47
CA VAL A 119 -5.32 5.23 0.61
C VAL A 119 -5.25 3.96 1.45
N GLU A 120 -5.46 2.80 0.83
CA GLU A 120 -5.45 1.55 1.55
C GLU A 120 -4.06 1.22 2.10
N ARG A 121 -3.01 1.70 1.44
CA ARG A 121 -1.66 1.60 2.00
C ARG A 121 -1.58 2.24 3.37
N LEU A 122 -1.66 3.57 3.40
CA LEU A 122 -1.58 4.34 4.64
C LEU A 122 -2.54 3.79 5.68
N GLY A 123 -3.73 3.39 5.25
CA GLY A 123 -4.70 2.83 6.17
C GLY A 123 -4.18 1.57 6.84
N ASP A 124 -3.74 0.60 6.03
CA ASP A 124 -3.24 -0.66 6.57
C ASP A 124 -2.07 -0.42 7.52
N TYR A 125 -1.26 0.61 7.26
CA TYR A 125 -0.15 0.92 8.16
C TYR A 125 -0.67 1.50 9.47
N LEU A 126 -1.68 2.38 9.40
CA LEU A 126 -2.24 2.96 10.62
C LEU A 126 -2.86 1.90 11.51
N ILE A 127 -3.50 0.89 10.91
CA ILE A 127 -4.07 -0.20 11.70
C ILE A 127 -2.97 -0.94 12.45
N GLU A 128 -1.82 -1.13 11.80
CA GLU A 128 -0.73 -1.86 12.45
C GLU A 128 -0.11 -1.09 13.61
N SER A 129 -0.16 0.23 13.58
CA SER A 129 0.34 1.03 14.68
C SER A 129 -0.75 1.43 15.66
N GLY A 130 -1.89 0.76 15.62
CA GLY A 130 -2.97 0.99 16.56
C GLY A 130 -4.01 1.98 16.07
N LEU A 131 -3.77 2.67 14.97
CA LEU A 131 -4.66 3.73 14.51
C LEU A 131 -5.50 3.27 13.34
N MET B 1 7.86 6.91 -13.68
CA MET B 1 8.44 6.78 -15.04
C MET B 1 9.65 5.85 -14.97
N SER B 2 10.82 6.32 -14.55
CA SER B 2 11.99 5.41 -14.47
C SER B 2 11.81 4.40 -13.33
N TRP B 3 12.43 3.24 -13.47
CA TRP B 3 12.39 2.24 -12.38
C TRP B 3 13.15 2.80 -11.18
N GLN B 4 14.21 3.54 -11.44
CA GLN B 4 15.00 4.05 -10.31
C GLN B 4 14.14 4.87 -9.36
N SER B 5 13.28 5.73 -9.92
CA SER B 5 12.41 6.54 -9.07
C SER B 5 11.40 5.71 -8.31
N TYR B 6 10.96 4.58 -8.89
CA TYR B 6 10.11 3.67 -8.14
C TYR B 6 10.83 3.15 -6.89
N VAL B 7 12.12 2.88 -7.01
CA VAL B 7 12.92 2.49 -5.85
C VAL B 7 13.09 3.67 -4.90
N ASP B 8 13.69 4.75 -5.40
CA ASP B 8 14.03 5.89 -4.54
C ASP B 8 12.78 6.55 -3.97
N ASP B 9 11.84 6.91 -4.82
CA ASP B 9 10.71 7.74 -4.40
C ASP B 9 9.55 6.94 -3.82
N HIS B 10 9.47 5.63 -4.07
CA HIS B 10 8.34 4.87 -3.55
C HIS B 10 8.70 3.65 -2.71
N LEU B 11 9.92 3.13 -2.79
CA LEU B 11 10.34 2.06 -1.90
C LEU B 11 11.21 2.57 -0.76
N MET B 12 11.95 3.65 -0.98
CA MET B 12 12.85 4.21 0.01
C MET B 12 12.30 5.48 0.64
N CYS B 13 11.01 5.75 0.45
CA CYS B 13 10.35 6.86 1.13
C CYS B 13 10.41 6.66 2.63
N GLU B 14 10.64 7.76 3.36
CA GLU B 14 10.64 7.73 4.80
C GLU B 14 9.20 7.69 5.30
N VAL B 15 8.94 6.85 6.30
CA VAL B 15 7.70 6.89 7.06
C VAL B 15 8.09 7.06 8.52
N GLU B 16 7.76 8.22 9.08
CA GLU B 16 8.14 8.57 10.45
C GLU B 16 9.64 8.40 10.68
N GLY B 17 10.43 9.03 9.79
CA GLY B 17 11.87 9.05 9.90
C GLY B 17 12.61 7.79 9.50
N ASN B 18 11.93 6.67 9.28
CA ASN B 18 12.59 5.42 8.91
C ASN B 18 12.37 5.09 7.45
N HIS B 19 13.39 4.51 6.82
CA HIS B 19 13.32 4.04 5.44
C HIS B 19 13.98 2.67 5.38
N LEU B 20 13.66 1.93 4.32
CA LEU B 20 14.26 0.62 4.12
C LEU B 20 15.78 0.73 4.01
N THR B 21 16.49 -0.26 4.56
CA THR B 21 17.92 -0.36 4.31
C THR B 21 18.21 -0.45 2.82
N HIS B 22 17.68 -1.48 2.17
CA HIS B 22 17.84 -1.68 0.75
C HIS B 22 16.48 -1.93 0.13
N ALA B 23 16.37 -1.58 -1.14
CA ALA B 23 15.18 -1.86 -1.92
C ALA B 23 15.59 -2.09 -3.36
N ALA B 24 14.83 -2.93 -4.05
CA ALA B 24 15.18 -3.27 -5.42
C ALA B 24 13.93 -3.78 -6.12
N ILE B 25 13.92 -3.60 -7.44
CA ILE B 25 12.92 -4.19 -8.31
C ILE B 25 13.69 -5.06 -9.30
N PHE B 26 13.49 -6.37 -9.19
CA PHE B 26 14.08 -7.34 -10.11
C PHE B 26 13.01 -7.79 -11.09
N GLY B 27 13.40 -7.97 -12.34
CA GLY B 27 12.57 -8.75 -13.24
C GLY B 27 12.54 -10.21 -12.80
N GLN B 28 11.47 -10.90 -13.11
CA GLN B 28 11.36 -12.31 -12.67
C GLN B 28 12.38 -13.20 -13.37
N ASP B 29 13.20 -12.66 -14.26
CA ASP B 29 14.19 -13.52 -14.93
C ASP B 29 15.45 -13.56 -14.09
N GLY B 30 15.61 -12.57 -13.22
CA GLY B 30 16.81 -12.45 -12.38
C GLY B 30 17.51 -11.15 -12.66
N SER B 31 17.03 -10.42 -13.66
CA SER B 31 17.68 -9.16 -14.06
C SER B 31 17.36 -8.05 -13.07
N VAL B 32 18.37 -7.31 -12.67
CA VAL B 32 18.12 -6.12 -11.89
C VAL B 32 17.48 -5.06 -12.77
N TRP B 33 16.34 -4.53 -12.34
CA TRP B 33 15.72 -3.41 -13.01
C TRP B 33 16.09 -2.07 -12.39
N ALA B 34 16.15 -2.02 -11.06
CA ALA B 34 16.65 -0.86 -10.35
C ALA B 34 16.94 -1.27 -8.90
N GLN B 35 17.99 -0.68 -8.33
CA GLN B 35 18.43 -1.02 -6.98
C GLN B 35 18.72 0.23 -6.16
N SER B 36 18.61 0.07 -4.85
CA SER B 36 19.26 1.01 -3.95
C SER B 36 20.77 0.84 -4.06
N SER B 37 21.50 1.85 -3.61
CA SER B 37 22.96 1.87 -3.78
C SER B 37 23.61 0.57 -3.31
N ALA B 38 23.24 0.11 -2.11
CA ALA B 38 23.92 -1.01 -1.46
C ALA B 38 23.11 -2.30 -1.45
N PHE B 39 22.17 -2.48 -2.38
CA PHE B 39 21.39 -3.71 -2.39
C PHE B 39 22.29 -4.89 -2.73
N PRO B 40 22.19 -5.99 -1.99
CA PRO B 40 23.11 -7.11 -2.20
C PRO B 40 22.92 -7.76 -3.56
N GLN B 41 24.00 -8.27 -4.12
CA GLN B 41 23.86 -9.06 -5.33
C GLN B 41 23.39 -10.45 -4.95
N LEU B 42 22.48 -11.00 -5.75
CA LEU B 42 21.74 -12.20 -5.36
C LEU B 42 22.14 -13.36 -6.26
N LYS B 43 22.52 -14.47 -5.64
CA LYS B 43 22.95 -15.64 -6.40
C LYS B 43 21.77 -16.19 -7.20
N PRO B 44 22.03 -16.73 -8.40
CA PRO B 44 20.94 -17.21 -9.25
C PRO B 44 20.10 -18.31 -8.62
N ALA B 45 20.67 -19.12 -7.73
CA ALA B 45 19.86 -20.11 -7.04
C ALA B 45 18.86 -19.45 -6.10
N GLU B 46 19.28 -18.36 -5.44
CA GLU B 46 18.37 -17.63 -4.57
C GLU B 46 17.13 -17.15 -5.32
N ILE B 47 17.30 -16.72 -6.58
CA ILE B 47 16.17 -16.22 -7.33
C ILE B 47 15.29 -17.37 -7.82
N ALA B 48 15.88 -18.53 -8.06
CA ALA B 48 15.09 -19.72 -8.37
C ALA B 48 14.27 -20.15 -7.16
N GLY B 49 14.92 -20.28 -6.00
CA GLY B 49 14.20 -20.62 -4.79
C GLY B 49 13.12 -19.61 -4.45
N ILE B 50 13.38 -18.33 -4.69
CA ILE B 50 12.34 -17.31 -4.58
C ILE B 50 11.20 -17.64 -5.51
N ASN B 51 11.51 -17.94 -6.77
CA ASN B 51 10.47 -18.18 -7.77
C ASN B 51 9.75 -19.50 -7.52
N LYS B 52 10.48 -20.55 -7.10
CA LYS B 52 9.85 -21.82 -6.75
C LYS B 52 8.89 -21.66 -5.56
N ASP B 53 9.15 -20.70 -4.67
CA ASP B 53 8.28 -20.51 -3.51
C ASP B 53 7.04 -19.68 -3.78
N PHE B 54 7.11 -18.65 -4.62
CA PHE B 54 5.90 -17.95 -5.02
C PHE B 54 4.99 -18.84 -5.82
N GLU B 55 5.55 -19.91 -6.36
CA GLU B 55 4.87 -20.76 -7.34
C GLU B 55 4.04 -21.86 -6.66
N GLU B 56 4.64 -22.63 -5.75
CA GLU B 56 3.88 -23.32 -4.72
C GLU B 56 4.58 -23.05 -3.40
N ALA B 57 3.91 -22.35 -2.48
CA ALA B 57 4.58 -21.88 -1.27
C ALA B 57 5.08 -23.05 -0.41
N GLY B 58 5.97 -22.72 0.51
CA GLY B 58 6.54 -23.69 1.41
C GLY B 58 7.83 -24.35 0.95
N HIS B 59 8.29 -24.13 -0.28
CA HIS B 59 9.58 -24.67 -0.66
C HIS B 59 10.72 -24.02 0.13
N LEU B 60 10.59 -22.73 0.42
CA LEU B 60 11.62 -22.00 1.14
C LEU B 60 11.52 -22.15 2.65
N ALA B 61 10.46 -22.77 3.15
CA ALA B 61 10.33 -22.83 4.61
C ALA B 61 11.43 -23.72 5.17
N PRO B 62 11.44 -25.03 4.85
CA PRO B 62 12.45 -25.95 5.32
C PRO B 62 13.88 -25.43 5.21
N THR B 63 14.35 -25.27 3.98
CA THR B 63 15.73 -24.81 3.73
C THR B 63 15.94 -23.43 4.34
N GLY B 64 15.24 -22.41 3.84
CA GLY B 64 15.39 -21.05 4.36
C GLY B 64 15.48 -20.04 3.24
N LEU B 65 15.30 -18.75 3.51
CA LEU B 65 15.36 -17.75 2.42
C LEU B 65 16.74 -17.09 2.39
N PHE B 66 17.49 -17.33 1.32
CA PHE B 66 18.83 -16.80 1.13
C PHE B 66 18.81 -15.63 0.17
N LEU B 67 19.46 -14.53 0.55
CA LEU B 67 19.62 -13.37 -0.31
C LEU B 67 21.02 -12.81 -0.11
N GLY B 68 21.82 -12.82 -1.18
CA GLY B 68 23.20 -12.36 -1.07
C GLY B 68 24.01 -13.17 -0.09
N GLY B 69 23.71 -14.46 0.07
CA GLY B 69 24.36 -15.31 1.03
C GLY B 69 23.74 -15.24 2.42
N GLU B 70 23.23 -14.09 2.81
CA GLU B 70 22.66 -13.92 4.14
C GLU B 70 21.36 -14.72 4.25
N LYS B 71 21.19 -15.38 5.40
CA LYS B 71 20.07 -16.27 5.63
C LYS B 71 18.95 -15.50 6.34
N TYR B 72 17.72 -15.73 5.90
CA TYR B 72 16.55 -15.16 6.53
C TYR B 72 15.63 -16.30 6.92
N MET B 73 15.13 -16.28 8.15
CA MET B 73 14.15 -17.26 8.56
C MET B 73 12.79 -16.90 7.98
N VAL B 74 12.12 -17.90 7.41
CA VAL B 74 10.88 -17.66 6.69
C VAL B 74 9.76 -17.38 7.69
N VAL B 75 8.91 -16.41 7.36
CA VAL B 75 7.73 -16.10 8.14
C VAL B 75 6.54 -15.99 7.19
N GLN B 76 5.35 -15.90 7.78
CA GLN B 76 4.13 -16.00 7.00
C GLN B 76 4.02 -14.88 5.98
N GLY B 77 3.50 -15.22 4.79
CA GLY B 77 3.23 -14.27 3.74
C GLY B 77 1.85 -14.47 3.14
N GLU B 78 1.70 -14.04 1.90
CA GLU B 78 0.56 -14.35 1.06
C GLU B 78 1.04 -15.27 -0.06
N ALA B 79 0.57 -16.51 -0.05
CA ALA B 79 1.06 -17.53 -0.97
C ALA B 79 0.84 -17.10 -2.42
N GLY B 80 1.89 -17.18 -3.23
CA GLY B 80 1.85 -16.77 -4.61
C GLY B 80 1.88 -15.28 -4.85
N ALA B 81 1.97 -14.49 -3.80
CA ALA B 81 2.02 -13.03 -3.93
C ALA B 81 3.08 -12.37 -3.06
N VAL B 82 3.37 -12.87 -1.87
CA VAL B 82 4.29 -12.23 -0.94
C VAL B 82 5.13 -13.30 -0.25
N ILE B 83 6.44 -13.09 -0.21
CA ILE B 83 7.35 -13.86 0.62
C ILE B 83 7.91 -12.93 1.68
N ARG B 84 7.90 -13.37 2.93
CA ARG B 84 8.46 -12.60 4.02
C ARG B 84 9.46 -13.43 4.81
N GLY B 85 10.50 -12.75 5.27
CA GLY B 85 11.56 -13.40 6.01
C GLY B 85 12.04 -12.49 7.12
N LYS B 86 12.75 -13.10 8.06
CA LYS B 86 13.26 -12.41 9.23
C LYS B 86 14.67 -12.92 9.51
N LYS B 87 15.54 -12.02 9.92
CA LYS B 87 16.85 -12.38 10.47
C LYS B 87 17.09 -11.48 11.66
N GLY B 88 16.97 -12.05 12.86
CA GLY B 88 17.02 -11.31 14.08
C GLY B 88 16.03 -10.17 14.07
N PRO B 89 16.52 -8.96 14.31
CA PRO B 89 15.63 -7.80 14.39
C PRO B 89 15.33 -7.11 13.06
N GLY B 90 15.71 -7.72 11.93
CA GLY B 90 15.40 -7.17 10.63
C GLY B 90 14.70 -8.22 9.78
N GLY B 91 14.43 -7.92 8.51
CA GLY B 91 13.82 -8.91 7.65
C GLY B 91 13.69 -8.42 6.22
N VAL B 92 12.76 -9.04 5.49
CA VAL B 92 12.64 -8.79 4.06
C VAL B 92 11.21 -9.09 3.62
N THR B 93 10.73 -8.32 2.65
CA THR B 93 9.46 -8.58 1.97
C THR B 93 9.74 -8.74 0.49
N ILE B 94 9.28 -9.83 -0.09
CA ILE B 94 9.38 -10.07 -1.54
C ILE B 94 7.97 -10.16 -2.09
N LYS B 95 7.55 -9.12 -2.80
CA LYS B 95 6.24 -9.06 -3.43
C LYS B 95 6.39 -9.34 -4.92
N LYS B 96 5.63 -10.32 -5.41
CA LYS B 96 5.67 -10.69 -6.82
C LYS B 96 4.61 -9.91 -7.60
N THR B 97 5.02 -9.19 -8.63
CA THR B 97 4.10 -8.57 -9.56
C THR B 97 3.85 -9.52 -10.73
N THR B 98 3.24 -9.04 -11.81
CA THR B 98 3.03 -9.91 -12.97
C THR B 98 4.35 -10.25 -13.64
N GLN B 99 5.28 -9.29 -13.69
CA GLN B 99 6.54 -9.44 -14.40
C GLN B 99 7.77 -9.39 -13.53
N ALA B 100 7.67 -8.89 -12.29
CA ALA B 100 8.86 -8.52 -11.53
C ALA B 100 8.78 -9.07 -10.11
N LEU B 101 9.80 -8.74 -9.33
CA LEU B 101 9.89 -9.10 -7.91
C LEU B 101 10.38 -7.88 -7.16
N VAL B 102 9.55 -7.36 -6.27
CA VAL B 102 9.88 -6.15 -5.51
C VAL B 102 10.46 -6.58 -4.16
N PHE B 103 11.62 -6.03 -3.83
CA PHE B 103 12.37 -6.41 -2.64
C PHE B 103 12.46 -5.23 -1.70
N GLY B 104 12.18 -5.48 -0.42
CA GLY B 104 12.44 -4.50 0.61
C GLY B 104 13.14 -5.15 1.79
N ILE B 105 14.27 -4.59 2.21
CA ILE B 105 15.02 -5.08 3.36
C ILE B 105 15.08 -3.98 4.41
N TYR B 106 14.68 -4.31 5.63
CA TYR B 106 14.60 -3.33 6.70
C TYR B 106 15.44 -3.83 7.87
N ASP B 107 15.85 -2.89 8.71
CA ASP B 107 16.59 -3.23 9.91
C ASP B 107 15.78 -2.70 11.11
N GLU B 108 16.23 -3.03 12.31
CA GLU B 108 15.36 -3.06 13.48
C GLU B 108 14.68 -1.76 13.90
N PRO B 109 15.18 -0.56 13.57
CA PRO B 109 14.34 0.62 13.83
C PRO B 109 13.02 0.52 13.10
N MET B 110 13.05 0.05 11.85
CA MET B 110 11.85 -0.23 11.08
C MET B 110 11.25 -1.55 11.53
N THR B 111 9.94 -1.69 11.34
CA THR B 111 9.25 -2.93 11.60
C THR B 111 8.90 -3.61 10.28
N GLY B 112 8.63 -4.91 10.36
CA GLY B 112 8.11 -5.62 9.20
C GLY B 112 6.86 -4.99 8.62
N GLY B 113 6.05 -4.35 9.46
CA GLY B 113 4.80 -3.78 8.95
C GLY B 113 5.02 -2.64 7.98
N GLN B 114 5.89 -1.69 8.34
CA GLN B 114 6.24 -0.63 7.40
C GLN B 114 6.99 -1.16 6.20
N CYS B 115 7.63 -2.33 6.32
CA CYS B 115 8.29 -2.93 5.18
C CYS B 115 7.27 -3.50 4.21
N ASN B 116 6.42 -4.41 4.70
CA ASN B 116 5.30 -4.90 3.91
C ASN B 116 4.44 -3.76 3.35
N LEU B 117 4.39 -2.64 4.07
CA LEU B 117 3.63 -1.50 3.60
C LEU B 117 4.13 -1.02 2.24
N VAL B 118 5.38 -0.51 2.21
CA VAL B 118 5.90 0.09 1.00
C VAL B 118 6.07 -0.96 -0.09
N VAL B 119 6.40 -2.19 0.28
CA VAL B 119 6.74 -3.22 -0.70
C VAL B 119 5.49 -3.79 -1.35
N GLU B 120 4.59 -4.35 -0.53
CA GLU B 120 3.41 -5.05 -1.07
C GLU B 120 2.45 -4.13 -1.79
N ARG B 121 2.50 -2.83 -1.51
CA ARG B 121 1.56 -1.91 -2.13
C ARG B 121 2.09 -1.40 -3.47
N LEU B 122 3.34 -0.95 -3.50
CA LEU B 122 3.99 -0.62 -4.77
C LEU B 122 3.85 -1.80 -5.72
N GLY B 123 3.99 -3.01 -5.17
CA GLY B 123 3.76 -4.20 -5.98
C GLY B 123 2.34 -4.25 -6.51
N ASP B 124 1.36 -4.12 -5.62
CA ASP B 124 -0.04 -4.15 -6.02
C ASP B 124 -0.34 -3.09 -7.07
N TYR B 125 0.34 -1.94 -6.99
CA TYR B 125 0.14 -0.92 -8.01
C TYR B 125 0.72 -1.35 -9.35
N LEU B 126 1.91 -1.95 -9.33
CA LEU B 126 2.51 -2.42 -10.58
C LEU B 126 1.67 -3.52 -11.20
N ILE B 127 1.09 -4.39 -10.38
CA ILE B 127 0.21 -5.43 -10.89
C ILE B 127 -1.00 -4.81 -11.57
N GLU B 128 -1.54 -3.74 -10.99
CA GLU B 128 -2.71 -3.08 -11.56
C GLU B 128 -2.39 -2.38 -12.87
N SER B 129 -1.15 -1.92 -13.05
CA SER B 129 -0.74 -1.27 -14.28
C SER B 129 -0.03 -2.22 -15.25
N GLY B 130 -0.18 -3.52 -15.06
CA GLY B 130 0.40 -4.49 -15.96
C GLY B 130 1.78 -4.98 -15.60
N LEU B 131 2.43 -4.38 -14.60
CA LEU B 131 3.81 -4.71 -14.28
C LEU B 131 3.92 -5.58 -13.03
#